data_7QA3
#
_entry.id   7QA3
#
_cell.length_a   113.018
_cell.length_b   122.610
_cell.length_c   112.784
_cell.angle_alpha   90.000
_cell.angle_beta   90.000
_cell.angle_gamma   90.000
#
_symmetry.space_group_name_H-M   'C 2 2 21'
#
loop_
_entity.id
_entity.type
_entity.pdbx_description
1 polymer 'Multiple virulence factor regulator MvfR'
2 non-polymer N-[[2-(4-phenoxyphenyl)-1,3-thiazol-5-yl]methyl]-2-(trifluoromethyl)pyridin-4-amine
3 water water
#
_entity_poly.entity_id   1
_entity_poly.type   'polypeptide(L)'
_entity_poly.pdbx_seq_one_letter_code
;MPIHNLNHVNMFLQVIASGSISSAARILRKSHTAVSSAVSNLEIDLCVELVRRDGYKVEPTEQALRLIPYMRSLLNYQQL
IGDIAFNLNKGPRNLRVLLDTAIPPSFCDTVSSVLLDDFNMVSLIRTSPADSLATIKQDNAEIDIAITIDEELKISRFNQ
CVLGYTKAFVVAHPQHPLCNASLHSIASLANYRQISLGSRSGQHSNLLRPVSDKVLFVENFDDMLRLVEAGVGWGIAPHY
FVEERLRNGTLAVLSELYEPGGIDTKVYCYYNTALESERSFLRFLESARQRLRELGRQRFDDAPAWQPSIVETAQRRSGP
KALAYRQRAAPE
;
_entity_poly.pdbx_strand_id   A,B
#
loop_
_chem_comp.id
_chem_comp.type
_chem_comp.name
_chem_comp.formula
A0F non-polymer N-[[2-(4-phenoxyphenyl)-1,3-thiazol-5-yl]methyl]-2-(trifluoromethyl)pyridin-4-amine 'C22 H16 F3 N3 O S'
#
# COMPACT_ATOMS: atom_id res chain seq x y z
N ARG A 93 -19.58 22.38 10.64
CA ARG A 93 -21.00 22.60 10.38
C ARG A 93 -21.32 22.16 8.95
N ASN A 94 -20.97 23.03 7.98
CA ASN A 94 -21.12 22.70 6.57
C ASN A 94 -19.86 22.04 6.05
N LEU A 95 -20.02 21.27 4.97
CA LEU A 95 -18.92 20.47 4.44
C LEU A 95 -18.96 20.37 2.93
N ARG A 96 -17.81 20.61 2.33
CA ARG A 96 -17.54 20.34 0.93
C ARG A 96 -16.63 19.11 0.93
N VAL A 97 -17.01 18.08 0.21
CA VAL A 97 -16.33 16.80 0.26
C VAL A 97 -15.97 16.37 -1.15
N LEU A 98 -14.71 16.01 -1.36
CA LEU A 98 -14.25 15.53 -2.65
C LEU A 98 -14.02 14.03 -2.60
N LEU A 99 -14.43 13.32 -3.64
CA LEU A 99 -14.17 11.89 -3.73
C LEU A 99 -13.64 11.62 -5.11
N ASP A 100 -12.47 10.97 -5.20
CA ASP A 100 -11.93 10.76 -6.53
C ASP A 100 -12.67 9.60 -7.21
N THR A 101 -12.47 9.47 -8.53
CA THR A 101 -13.24 8.58 -9.38
C THR A 101 -12.78 7.11 -9.29
N ALA A 102 -11.84 6.79 -8.41
CA ALA A 102 -11.53 5.39 -8.16
C ALA A 102 -12.32 4.84 -6.99
N ILE A 103 -12.86 5.71 -6.14
CA ILE A 103 -13.74 5.35 -5.04
C ILE A 103 -15.04 4.83 -5.63
N PRO A 104 -15.40 3.56 -5.41
CA PRO A 104 -16.58 2.98 -6.05
C PRO A 104 -17.87 3.65 -5.59
N PRO A 105 -18.94 3.52 -6.37
CA PRO A 105 -20.20 4.16 -5.95
C PRO A 105 -20.70 3.69 -4.58
N SER A 106 -20.64 2.39 -4.28
CA SER A 106 -21.06 1.92 -2.96
C SER A 106 -20.35 2.65 -1.86
N PHE A 107 -19.03 2.74 -2.00
CA PHE A 107 -18.17 3.48 -1.08
C PHE A 107 -18.61 4.93 -0.96
N CYS A 108 -18.77 5.61 -2.11
CA CYS A 108 -19.22 7.00 -2.10
C CYS A 108 -20.49 7.16 -1.28
N ASP A 109 -21.55 6.46 -1.69
CA ASP A 109 -22.85 6.56 -1.04
C ASP A 109 -22.75 6.29 0.45
N THR A 110 -21.93 5.31 0.85
CA THR A 110 -21.66 5.09 2.28
C THR A 110 -21.16 6.37 2.96
N VAL A 111 -20.03 6.88 2.50
CA VAL A 111 -19.51 8.13 3.03
C VAL A 111 -20.58 9.23 3.03
N SER A 112 -21.36 9.31 1.96
CA SER A 112 -22.40 10.32 1.83
C SER A 112 -23.36 10.29 3.03
N SER A 113 -23.99 9.12 3.24
CA SER A 113 -25.02 9.02 4.26
C SER A 113 -24.43 9.22 5.65
N VAL A 114 -23.26 8.66 5.91
CA VAL A 114 -22.60 8.96 7.18
C VAL A 114 -22.39 10.45 7.38
N LEU A 115 -21.95 11.14 6.34
CA LEU A 115 -21.63 12.53 6.54
C LEU A 115 -22.90 13.36 6.69
N LEU A 116 -23.98 12.92 6.03
CA LEU A 116 -25.20 13.70 6.11
C LEU A 116 -25.90 13.52 7.45
N ASP A 117 -25.66 12.36 8.08
CA ASP A 117 -26.20 12.12 9.42
C ASP A 117 -25.40 12.87 10.48
N ASP A 118 -24.07 12.87 10.32
CA ASP A 118 -23.20 13.44 11.34
C ASP A 118 -22.90 14.93 11.08
N PHE A 119 -23.30 15.46 9.93
CA PHE A 119 -23.09 16.86 9.60
C PHE A 119 -24.39 17.49 9.09
N ASN A 120 -24.31 18.80 8.83
CA ASN A 120 -25.50 19.51 8.40
C ASN A 120 -25.62 19.56 6.89
N MET A 121 -24.94 20.54 6.27
CA MET A 121 -24.94 20.65 4.82
C MET A 121 -23.72 19.97 4.25
N VAL A 122 -23.93 19.20 3.19
CA VAL A 122 -22.86 18.42 2.60
C VAL A 122 -22.88 18.61 1.09
N SER A 123 -21.73 18.98 0.55
CA SER A 123 -21.54 19.15 -0.88
C SER A 123 -20.51 18.13 -1.36
N LEU A 124 -20.69 17.60 -2.55
CA LEU A 124 -19.74 16.63 -3.08
C LEU A 124 -19.07 17.12 -4.35
N ILE A 125 -17.78 16.83 -4.48
CA ILE A 125 -17.05 17.05 -5.72
C ILE A 125 -16.43 15.72 -6.14
N ARG A 126 -16.36 15.48 -7.43
CA ARG A 126 -15.71 14.31 -7.97
C ARG A 126 -14.59 14.76 -8.90
N THR A 127 -13.43 14.11 -8.79
CA THR A 127 -12.28 14.40 -9.64
C THR A 127 -11.52 13.11 -9.87
N SER A 128 -10.75 13.06 -10.95
CA SER A 128 -9.87 11.93 -11.14
C SER A 128 -8.82 11.96 -10.05
N PRO A 129 -8.28 10.80 -9.66
CA PRO A 129 -7.26 10.82 -8.60
C PRO A 129 -6.09 11.74 -8.93
N ALA A 130 -5.81 11.94 -10.21
CA ALA A 130 -4.70 12.81 -10.61
C ALA A 130 -4.91 14.22 -10.10
N ASP A 131 -6.15 14.65 -10.11
CA ASP A 131 -6.52 16.00 -9.70
C ASP A 131 -7.08 16.05 -8.30
N SER A 132 -7.07 14.94 -7.56
CA SER A 132 -7.74 15.00 -6.26
C SER A 132 -6.94 15.94 -5.35
N LEU A 133 -5.77 15.51 -4.90
CA LEU A 133 -5.00 16.34 -3.96
C LEU A 133 -4.74 17.73 -4.54
N ALA A 134 -4.32 17.78 -5.79
CA ALA A 134 -4.06 19.06 -6.45
C ALA A 134 -5.19 20.06 -6.20
N THR A 135 -6.45 19.58 -6.16
CA THR A 135 -7.59 20.47 -5.94
C THR A 135 -7.63 21.05 -4.53
N ILE A 136 -7.58 20.17 -3.52
CA ILE A 136 -7.84 20.63 -2.16
C ILE A 136 -6.79 21.62 -1.71
N LYS A 137 -5.57 21.48 -2.26
CA LYS A 137 -4.45 22.33 -1.85
C LYS A 137 -4.72 23.79 -2.21
N GLN A 138 -5.42 24.02 -3.31
CA GLN A 138 -5.77 25.38 -3.67
C GLN A 138 -6.50 26.05 -2.52
N ASP A 139 -5.88 27.12 -2.00
CA ASP A 139 -6.50 27.85 -0.90
C ASP A 139 -7.84 28.40 -1.34
N ASN A 140 -8.02 28.63 -2.65
CA ASN A 140 -9.26 29.17 -3.19
C ASN A 140 -10.43 28.25 -2.89
N ALA A 141 -10.33 27.00 -3.33
CA ALA A 141 -11.40 26.05 -3.06
C ALA A 141 -11.41 25.77 -1.58
N GLU A 142 -12.59 25.49 -1.06
CA GLU A 142 -12.81 25.30 0.36
C GLU A 142 -13.31 23.90 0.59
N ILE A 143 -12.44 22.92 0.39
CA ILE A 143 -12.80 21.53 0.63
C ILE A 143 -12.33 21.15 2.03
N ASP A 144 -13.24 20.51 2.78
CA ASP A 144 -12.96 20.17 4.18
C ASP A 144 -12.59 18.71 4.36
N ILE A 145 -13.02 17.83 3.49
CA ILE A 145 -12.66 16.43 3.55
C ILE A 145 -12.43 15.97 2.12
N ALA A 146 -11.38 15.19 1.91
CA ALA A 146 -11.08 14.70 0.57
C ALA A 146 -10.66 13.25 0.63
N ILE A 147 -11.35 12.40 -0.11
CA ILE A 147 -11.21 10.97 -0.03
C ILE A 147 -10.69 10.49 -1.36
N THR A 148 -9.46 9.97 -1.37
CA THR A 148 -8.77 9.65 -2.61
C THR A 148 -7.68 8.63 -2.36
N ILE A 149 -7.28 7.94 -3.43
CA ILE A 149 -6.22 6.93 -3.32
C ILE A 149 -4.81 7.51 -3.37
N ASP A 150 -4.69 8.76 -3.81
CA ASP A 150 -3.41 9.43 -3.97
C ASP A 150 -2.76 9.68 -2.62
N GLU A 151 -1.50 9.31 -2.48
CA GLU A 151 -0.75 9.40 -1.23
C GLU A 151 0.06 10.69 -1.22
N GLU A 152 0.10 11.34 -0.06
CA GLU A 152 0.88 12.55 0.16
C GLU A 152 0.93 12.87 1.64
N LEU A 153 2.11 12.86 2.22
CA LEU A 153 2.32 13.18 3.63
C LEU A 153 2.77 14.63 3.73
N LYS A 154 2.41 15.26 4.85
CA LYS A 154 2.60 16.69 5.05
C LYS A 154 1.97 17.48 3.91
N ILE A 155 0.66 17.67 3.99
CA ILE A 155 -0.04 18.64 3.14
C ILE A 155 -0.57 19.75 4.05
N SER A 156 -0.42 20.99 3.60
CA SER A 156 -0.75 22.13 4.45
C SER A 156 -2.24 22.20 4.74
N ARG A 157 -2.57 22.27 6.03
CA ARG A 157 -3.92 22.54 6.52
C ARG A 157 -4.82 21.30 6.46
N PHE A 158 -4.22 20.12 6.31
CA PHE A 158 -4.97 18.88 6.17
C PHE A 158 -4.21 17.75 6.86
N ASN A 159 -4.95 16.84 7.49
CA ASN A 159 -4.42 15.59 8.04
C ASN A 159 -4.61 14.43 7.05
N GLN A 160 -4.22 13.24 7.48
CA GLN A 160 -4.31 12.05 6.65
C GLN A 160 -4.77 10.93 7.55
N CYS A 161 -5.59 10.04 7.00
CA CYS A 161 -5.87 8.80 7.70
C CYS A 161 -6.46 7.87 6.66
N VAL A 162 -6.50 6.58 7.00
CA VAL A 162 -6.93 5.54 6.08
C VAL A 162 -8.37 5.18 6.41
N LEU A 163 -9.25 5.30 5.40
CA LEU A 163 -10.69 5.05 5.52
C LEU A 163 -11.08 3.65 5.06
N GLY A 164 -10.42 3.15 4.01
CA GLY A 164 -10.69 1.81 3.54
C GLY A 164 -9.78 1.46 2.37
N TYR A 165 -10.24 0.53 1.53
CA TYR A 165 -9.44 -0.01 0.44
C TYR A 165 -10.31 -0.19 -0.80
N THR A 166 -9.66 -0.15 -1.95
CA THR A 166 -10.33 -0.37 -3.22
C THR A 166 -9.38 -1.17 -4.10
N LYS A 167 -9.91 -1.84 -5.12
CA LYS A 167 -9.07 -2.74 -5.90
C LYS A 167 -9.04 -2.25 -7.34
N ALA A 168 -7.87 -2.31 -7.96
CA ALA A 168 -7.73 -1.84 -9.34
C ALA A 168 -7.13 -2.93 -10.23
N PHE A 169 -7.44 -2.88 -11.53
CA PHE A 169 -6.99 -3.90 -12.47
C PHE A 169 -6.12 -3.30 -13.55
N VAL A 170 -5.04 -4.01 -13.91
CA VAL A 170 -4.34 -3.75 -15.16
C VAL A 170 -5.11 -4.41 -16.29
N VAL A 171 -5.70 -3.60 -17.15
CA VAL A 171 -6.51 -4.13 -18.25
C VAL A 171 -5.92 -3.75 -19.61
N ALA A 172 -6.21 -4.60 -20.60
CA ALA A 172 -5.83 -4.38 -21.98
C ALA A 172 -6.88 -5.04 -22.87
N HIS A 173 -6.84 -4.72 -24.16
CA HIS A 173 -7.79 -5.32 -25.08
C HIS A 173 -7.48 -6.82 -25.28
N PRO A 174 -8.50 -7.69 -25.32
CA PRO A 174 -8.23 -9.15 -25.29
C PRO A 174 -7.27 -9.69 -26.36
N GLN A 175 -7.24 -9.11 -27.56
CA GLN A 175 -6.33 -9.58 -28.60
C GLN A 175 -4.99 -8.83 -28.56
N HIS A 176 -4.80 -8.01 -27.53
CA HIS A 176 -3.57 -7.25 -27.35
C HIS A 176 -2.39 -8.21 -27.19
N PRO A 177 -1.21 -7.84 -27.69
CA PRO A 177 -0.05 -8.74 -27.54
C PRO A 177 0.14 -9.29 -26.12
N LEU A 178 -0.02 -8.45 -25.11
CA LEU A 178 0.32 -8.88 -23.77
C LEU A 178 -0.62 -9.95 -23.22
N CYS A 179 -1.78 -10.13 -23.85
CA CYS A 179 -2.73 -11.13 -23.37
C CYS A 179 -2.40 -12.53 -23.85
N ASN A 180 -1.79 -12.62 -25.03
CA ASN A 180 -1.34 -13.86 -25.61
C ASN A 180 0.00 -14.28 -25.03
N ALA A 181 0.35 -13.72 -23.87
CA ALA A 181 1.65 -13.95 -23.26
C ALA A 181 1.58 -14.74 -21.97
N SER A 182 0.50 -14.64 -21.21
CA SER A 182 0.37 -15.45 -20.00
C SER A 182 1.31 -15.04 -18.86
N LEU A 183 2.58 -14.80 -19.18
CA LEU A 183 3.57 -14.41 -18.19
C LEU A 183 3.56 -12.92 -18.00
N HIS A 184 3.97 -12.50 -16.80
CA HIS A 184 3.87 -11.10 -16.47
C HIS A 184 5.05 -10.62 -15.63
N SER A 185 5.56 -9.47 -16.07
CA SER A 185 6.58 -8.72 -15.36
C SER A 185 6.33 -7.25 -15.65
N ILE A 186 6.93 -6.38 -14.86
CA ILE A 186 6.66 -4.98 -15.13
C ILE A 186 7.44 -4.52 -16.36
N ALA A 187 8.48 -5.26 -16.75
CA ALA A 187 9.23 -4.93 -17.97
C ALA A 187 8.48 -5.31 -19.23
N SER A 188 7.86 -6.51 -19.24
CA SER A 188 7.00 -6.90 -20.35
C SER A 188 5.97 -5.81 -20.64
N LEU A 189 5.37 -5.27 -19.58
CA LEU A 189 4.38 -4.20 -19.74
C LEU A 189 4.99 -2.88 -20.18
N ALA A 190 6.25 -2.61 -19.76
CA ALA A 190 6.85 -1.30 -20.00
C ALA A 190 7.20 -1.07 -21.46
N ASN A 191 7.28 -2.15 -22.24
CA ASN A 191 7.60 -2.06 -23.67
C ASN A 191 6.37 -1.78 -24.53
N TYR A 192 5.22 -1.51 -23.92
CA TYR A 192 4.00 -1.18 -24.64
C TYR A 192 3.44 0.14 -24.10
N ARG A 193 2.51 0.70 -24.83
CA ARG A 193 2.03 2.03 -24.48
C ARG A 193 1.08 1.93 -23.30
N GLN A 194 1.34 2.74 -22.28
CA GLN A 194 0.39 2.84 -21.20
C GLN A 194 -0.55 3.97 -21.54
N ILE A 195 -1.83 3.75 -21.27
CA ILE A 195 -2.81 4.84 -21.25
C ILE A 195 -2.99 5.19 -19.77
N SER A 196 -2.60 6.40 -19.37
CA SER A 196 -2.61 6.73 -17.95
C SER A 196 -3.33 8.05 -17.67
N LEU A 197 -3.90 8.18 -16.46
CA LEU A 197 -4.43 9.48 -16.07
C LEU A 197 -3.29 10.48 -15.89
N GLY A 198 -3.67 11.72 -15.63
CA GLY A 198 -2.76 12.80 -15.33
C GLY A 198 -2.47 13.64 -16.56
N SER A 199 -1.85 14.80 -16.29
CA SER A 199 -1.24 15.61 -17.34
C SER A 199 0.29 15.55 -17.27
N ARG A 200 0.94 15.17 -18.39
CA ARG A 200 2.41 15.12 -18.53
C ARG A 200 3.13 16.26 -17.80
N SER A 201 2.68 17.48 -17.97
CA SER A 201 3.23 18.59 -17.21
C SER A 201 2.69 18.49 -15.78
N GLY A 202 3.61 18.43 -14.81
CA GLY A 202 3.21 18.41 -13.42
C GLY A 202 3.74 17.23 -12.65
N GLN A 203 3.88 17.43 -11.33
CA GLN A 203 4.40 16.43 -10.40
C GLN A 203 3.44 15.25 -10.30
N HIS A 204 3.78 14.13 -10.95
CA HIS A 204 2.96 12.92 -10.91
C HIS A 204 3.31 12.14 -9.66
N SER A 205 2.35 11.98 -8.77
CA SER A 205 2.53 11.11 -7.63
C SER A 205 3.10 9.78 -8.09
N ASN A 206 3.93 9.16 -7.23
CA ASN A 206 4.45 7.84 -7.55
C ASN A 206 3.33 6.82 -7.74
N LEU A 207 2.08 7.23 -7.46
CA LEU A 207 0.93 6.36 -7.70
C LEU A 207 0.52 6.39 -9.15
N LEU A 208 0.42 7.59 -9.73
CA LEU A 208 -0.01 7.75 -11.11
C LEU A 208 1.17 7.92 -12.06
N ARG A 209 2.36 7.68 -11.56
CA ARG A 209 3.54 7.82 -12.35
C ARG A 209 3.53 6.73 -13.41
N PRO A 210 3.45 7.07 -14.68
CA PRO A 210 3.47 6.03 -15.72
C PRO A 210 4.66 5.12 -15.54
N VAL A 211 4.46 3.85 -15.90
CA VAL A 211 5.53 2.88 -15.82
C VAL A 211 6.30 2.77 -17.13
N SER A 212 5.61 2.98 -18.26
CA SER A 212 6.19 2.86 -19.59
C SER A 212 6.80 4.17 -20.04
N ASP A 213 7.82 4.08 -20.88
CA ASP A 213 8.35 5.31 -21.47
C ASP A 213 7.44 5.79 -22.59
N LYS A 214 6.62 4.89 -23.14
CA LYS A 214 5.65 5.19 -24.19
C LYS A 214 4.28 5.32 -23.53
N VAL A 215 3.88 6.56 -23.26
CA VAL A 215 2.66 6.84 -22.51
C VAL A 215 1.73 7.71 -23.35
N LEU A 216 0.46 7.67 -22.99
CA LEU A 216 -0.57 8.48 -23.63
C LEU A 216 -1.54 8.85 -22.51
N PHE A 217 -1.68 10.14 -22.25
CA PHE A 217 -2.42 10.60 -21.09
C PHE A 217 -3.88 10.84 -21.43
N VAL A 218 -4.72 10.78 -20.41
CA VAL A 218 -6.15 11.04 -20.58
C VAL A 218 -6.66 11.71 -19.31
N GLU A 219 -7.88 12.24 -19.39
CA GLU A 219 -8.45 13.05 -18.32
C GLU A 219 -9.32 12.24 -17.39
N ASN A 220 -9.87 11.13 -17.86
CA ASN A 220 -10.82 10.36 -17.09
C ASN A 220 -10.75 8.90 -17.49
N PHE A 221 -11.54 8.09 -16.82
CA PHE A 221 -11.47 6.66 -17.10
C PHE A 221 -12.25 6.31 -18.37
N ASP A 222 -13.33 7.04 -18.67
CA ASP A 222 -14.08 6.80 -19.90
C ASP A 222 -13.15 6.85 -21.11
N ASP A 223 -12.40 7.94 -21.26
CA ASP A 223 -11.41 8.05 -22.34
C ASP A 223 -10.32 6.96 -22.25
N MET A 224 -9.78 6.74 -21.05
CA MET A 224 -8.77 5.69 -20.92
C MET A 224 -9.27 4.38 -21.54
N LEU A 225 -10.51 3.98 -21.19
CA LEU A 225 -11.03 2.71 -21.69
C LEU A 225 -11.35 2.77 -23.19
N ARG A 226 -11.81 3.92 -23.69
CA ARG A 226 -11.93 4.06 -25.14
C ARG A 226 -10.65 3.61 -25.85
N LEU A 227 -9.50 4.08 -25.36
CA LEU A 227 -8.25 3.75 -26.02
C LEU A 227 -7.86 2.31 -25.81
N VAL A 228 -8.02 1.82 -24.59
CA VAL A 228 -7.64 0.44 -24.29
C VAL A 228 -8.43 -0.53 -25.15
N GLU A 229 -9.76 -0.35 -25.19
CA GLU A 229 -10.63 -1.22 -25.98
C GLU A 229 -10.36 -1.09 -27.46
N ALA A 230 -9.77 0.04 -27.88
CA ALA A 230 -9.33 0.19 -29.24
C ALA A 230 -7.89 -0.26 -29.43
N GLY A 231 -7.39 -1.09 -28.50
CA GLY A 231 -6.06 -1.70 -28.59
C GLY A 231 -4.89 -0.73 -28.67
N VAL A 232 -5.18 0.55 -28.41
CA VAL A 232 -4.14 1.56 -28.45
C VAL A 232 -3.12 1.36 -27.36
N GLY A 233 -3.47 0.60 -26.33
CA GLY A 233 -2.57 0.41 -25.21
C GLY A 233 -3.28 -0.30 -24.09
N TRP A 234 -2.64 -0.24 -22.91
CA TRP A 234 -3.13 -0.84 -21.69
C TRP A 234 -3.17 0.18 -20.57
N GLY A 235 -3.98 -0.09 -19.57
CA GLY A 235 -4.17 0.88 -18.53
C GLY A 235 -4.42 0.23 -17.19
N ILE A 236 -4.61 1.11 -16.21
CA ILE A 236 -4.95 0.77 -14.83
C ILE A 236 -6.29 1.39 -14.50
N ALA A 237 -7.23 0.59 -14.05
CA ALA A 237 -8.58 1.10 -13.84
C ALA A 237 -9.18 0.55 -12.55
N PRO A 238 -10.20 1.22 -12.02
CA PRO A 238 -10.88 0.69 -10.84
C PRO A 238 -11.67 -0.55 -11.20
N HIS A 239 -11.81 -1.44 -10.22
CA HIS A 239 -12.63 -2.63 -10.43
C HIS A 239 -14.03 -2.23 -10.88
N TYR A 240 -14.71 -1.41 -10.10
CA TYR A 240 -16.11 -1.11 -10.43
C TYR A 240 -16.27 -0.64 -11.87
N PHE A 241 -15.26 0.04 -12.42
CA PHE A 241 -15.33 0.57 -13.78
C PHE A 241 -15.38 -0.54 -14.83
N VAL A 242 -14.50 -1.53 -14.69
CA VAL A 242 -14.21 -2.52 -15.72
CA VAL A 242 -14.30 -2.49 -15.77
C VAL A 242 -14.90 -3.85 -15.47
N GLU A 243 -15.52 -4.02 -14.31
CA GLU A 243 -16.31 -5.22 -14.05
C GLU A 243 -17.17 -5.59 -15.26
N GLU A 244 -17.94 -4.64 -15.77
CA GLU A 244 -18.84 -4.95 -16.87
C GLU A 244 -18.07 -5.50 -18.07
N ARG A 245 -17.11 -4.72 -18.58
CA ARG A 245 -16.37 -5.16 -19.75
C ARG A 245 -15.64 -6.47 -19.52
N LEU A 246 -15.28 -6.77 -18.28
CA LEU A 246 -14.59 -8.04 -18.06
C LEU A 246 -15.57 -9.20 -18.11
N ARG A 247 -16.73 -9.06 -17.46
CA ARG A 247 -17.79 -10.06 -17.61
C ARG A 247 -18.05 -10.35 -19.08
N ASN A 248 -18.07 -9.32 -19.93
CA ASN A 248 -18.49 -9.47 -21.32
C ASN A 248 -17.36 -9.80 -22.26
N GLY A 249 -16.19 -10.20 -21.77
CA GLY A 249 -15.07 -10.47 -22.64
C GLY A 249 -14.54 -9.25 -23.38
N THR A 250 -15.21 -8.11 -23.26
CA THR A 250 -14.76 -6.91 -23.91
C THR A 250 -13.31 -6.59 -23.58
N LEU A 251 -12.78 -7.14 -22.50
CA LEU A 251 -11.60 -6.59 -21.87
C LEU A 251 -10.94 -7.64 -20.97
N ALA A 252 -9.63 -7.61 -20.94
CA ALA A 252 -8.81 -8.61 -20.27
C ALA A 252 -8.19 -7.99 -19.03
N VAL A 253 -7.36 -8.76 -18.36
CA VAL A 253 -6.78 -8.35 -17.09
C VAL A 253 -5.34 -8.85 -17.16
N LEU A 254 -4.39 -8.02 -16.82
CA LEU A 254 -3.02 -8.46 -16.89
C LEU A 254 -2.36 -8.63 -15.54
N SER A 255 -3.12 -8.49 -14.46
CA SER A 255 -2.53 -8.35 -13.14
C SER A 255 -2.82 -9.55 -12.27
N GLU A 256 -3.18 -10.69 -12.86
CA GLU A 256 -3.71 -11.74 -12.02
C GLU A 256 -2.64 -12.63 -11.44
N LEU A 257 -1.39 -12.42 -11.81
CA LEU A 257 -0.29 -13.03 -11.07
C LEU A 257 0.29 -12.06 -10.06
N TYR A 258 0.41 -10.78 -10.44
CA TYR A 258 0.86 -9.77 -9.50
C TYR A 258 0.03 -9.82 -8.22
N GLU A 259 -1.24 -9.54 -8.32
CA GLU A 259 -2.14 -9.58 -7.15
C GLU A 259 -3.45 -10.17 -7.64
N PRO A 260 -3.69 -11.46 -7.37
CA PRO A 260 -4.99 -12.02 -7.73
C PRO A 260 -6.08 -11.19 -7.08
N GLY A 261 -7.18 -11.02 -7.80
CA GLY A 261 -8.28 -10.20 -7.34
C GLY A 261 -8.07 -8.71 -7.50
N GLY A 262 -7.04 -8.32 -8.22
CA GLY A 262 -6.73 -6.91 -8.34
C GLY A 262 -5.88 -6.37 -7.23
N ILE A 263 -5.55 -5.11 -7.41
CA ILE A 263 -4.46 -4.48 -6.68
C ILE A 263 -5.08 -3.67 -5.58
N ASP A 264 -4.84 -4.11 -4.35
CA ASP A 264 -5.38 -3.39 -3.21
C ASP A 264 -4.72 -2.04 -3.17
N THR A 265 -5.54 -1.01 -2.99
CA THR A 265 -5.10 0.38 -3.00
C THR A 265 -5.78 1.08 -1.84
N LYS A 266 -4.99 1.70 -0.98
CA LYS A 266 -5.55 2.42 0.16
C LYS A 266 -6.39 3.59 -0.32
N VAL A 267 -7.43 3.89 0.46
CA VAL A 267 -8.26 5.08 0.29
C VAL A 267 -8.02 5.98 1.49
N TYR A 268 -7.41 7.14 1.24
CA TYR A 268 -7.00 8.05 2.29
C TYR A 268 -8.11 9.06 2.45
N CYS A 269 -8.24 9.56 3.67
CA CYS A 269 -9.22 10.59 3.99
C CYS A 269 -8.47 11.79 4.57
N TYR A 270 -8.10 12.74 3.70
CA TYR A 270 -7.42 13.94 4.13
C TYR A 270 -8.43 14.91 4.70
N TYR A 271 -8.33 15.22 5.98
CA TYR A 271 -9.34 15.99 6.65
C TYR A 271 -8.79 17.29 7.19
N ASN A 272 -9.44 18.40 6.84
CA ASN A 272 -9.03 19.68 7.37
C ASN A 272 -8.76 19.58 8.85
N THR A 273 -7.68 20.25 9.28
CA THR A 273 -7.26 20.14 10.67
C THR A 273 -8.34 20.65 11.63
N ALA A 274 -9.13 21.63 11.20
CA ALA A 274 -10.13 22.18 12.09
C ALA A 274 -11.11 21.12 12.57
N LEU A 275 -11.23 20.03 11.82
CA LEU A 275 -12.15 18.95 12.18
C LEU A 275 -11.56 17.93 13.14
N GLU A 276 -10.25 17.97 13.38
CA GLU A 276 -9.62 17.01 14.26
C GLU A 276 -10.39 16.88 15.56
N SER A 277 -10.85 18.03 16.10
CA SER A 277 -11.45 18.12 17.43
C SER A 277 -12.96 18.09 17.39
N GLU A 278 -13.55 17.98 16.20
CA GLU A 278 -14.99 17.93 16.05
C GLU A 278 -15.43 16.48 16.27
N ARG A 279 -16.16 16.28 17.35
CA ARG A 279 -16.76 14.98 17.62
C ARG A 279 -17.65 14.53 16.48
N SER A 280 -18.19 15.46 15.68
CA SER A 280 -18.94 15.01 14.52
C SER A 280 -18.01 14.27 13.57
N PHE A 281 -16.83 14.82 13.31
CA PHE A 281 -15.88 14.18 12.41
C PHE A 281 -15.44 12.82 12.94
N LEU A 282 -15.08 12.75 14.21
CA LEU A 282 -14.67 11.47 14.75
C LEU A 282 -15.79 10.43 14.63
N ARG A 283 -17.03 10.85 14.87
CA ARG A 283 -18.13 9.89 14.74
C ARG A 283 -18.26 9.42 13.32
N PHE A 284 -18.10 10.35 12.37
CA PHE A 284 -18.16 10.00 10.95
C PHE A 284 -17.10 8.97 10.59
N LEU A 285 -15.87 9.22 11.02
CA LEU A 285 -14.81 8.26 10.72
C LEU A 285 -15.17 6.90 11.28
N GLU A 286 -15.56 6.85 12.55
CA GLU A 286 -15.92 5.57 13.17
C GLU A 286 -16.98 4.85 12.35
N SER A 287 -18.07 5.55 12.06
CA SER A 287 -19.21 4.90 11.43
C SER A 287 -18.89 4.50 9.99
N ALA A 288 -18.26 5.40 9.23
CA ALA A 288 -17.94 5.09 7.84
C ALA A 288 -16.97 3.93 7.74
N ARG A 289 -15.96 3.90 8.59
CA ARG A 289 -15.06 2.75 8.60
C ARG A 289 -15.80 1.46 8.91
N GLN A 290 -16.64 1.46 9.95
CA GLN A 290 -17.34 0.22 10.27
C GLN A 290 -18.16 -0.26 9.08
N ARG A 291 -18.92 0.65 8.49
CA ARG A 291 -19.80 0.27 7.39
C ARG A 291 -18.99 -0.24 6.21
N LEU A 292 -17.86 0.43 5.92
CA LEU A 292 -17.05 0.05 4.78
C LEU A 292 -16.43 -1.30 5.00
N ARG A 293 -16.08 -1.62 6.24
CA ARG A 293 -15.62 -2.98 6.54
C ARG A 293 -16.70 -4.00 6.23
N GLU A 294 -17.88 -3.80 6.80
CA GLU A 294 -18.99 -4.74 6.59
C GLU A 294 -19.28 -4.88 5.11
N LEU A 295 -19.05 -3.81 4.34
CA LEU A 295 -19.29 -3.81 2.90
C LEU A 295 -18.20 -4.57 2.15
N GLY A 296 -16.93 -4.35 2.53
CA GLY A 296 -15.84 -5.06 1.90
C GLY A 296 -15.95 -6.56 2.08
N ARG A 297 -16.38 -6.98 3.27
CA ARG A 297 -16.70 -8.40 3.49
C ARG A 297 -17.54 -8.95 2.34
N GLN A 298 -18.67 -8.33 2.06
CA GLN A 298 -19.54 -8.73 0.95
C GLN A 298 -18.89 -8.61 -0.44
N ARG B 93 17.94 -26.59 -9.09
CA ARG B 93 17.71 -27.60 -8.06
C ARG B 93 17.46 -26.93 -6.70
N ASN B 94 18.52 -26.36 -6.12
CA ASN B 94 18.47 -25.74 -4.81
C ASN B 94 17.90 -24.32 -4.86
N LEU B 95 17.62 -23.78 -3.68
CA LEU B 95 16.90 -22.52 -3.60
C LEU B 95 17.46 -21.68 -2.47
N ARG B 96 17.64 -20.40 -2.74
CA ARG B 96 17.96 -19.42 -1.72
C ARG B 96 16.78 -18.47 -1.55
N VAL B 97 16.26 -18.37 -0.35
CA VAL B 97 15.06 -17.57 -0.10
C VAL B 97 15.40 -16.54 0.95
N LEU B 98 15.18 -15.28 0.63
CA LEU B 98 15.43 -14.20 1.58
C LEU B 98 14.08 -13.77 2.18
N LEU B 99 14.06 -13.49 3.48
CA LEU B 99 12.86 -13.07 4.17
C LEU B 99 13.21 -11.90 5.07
N ASP B 100 12.49 -10.79 4.94
CA ASP B 100 12.83 -9.66 5.80
C ASP B 100 12.24 -9.89 7.19
N THR B 101 12.70 -9.07 8.13
CA THR B 101 12.37 -9.27 9.54
C THR B 101 11.02 -8.67 9.93
N ALA B 102 10.29 -8.10 8.97
CA ALA B 102 8.93 -7.64 9.18
C ALA B 102 7.90 -8.70 8.85
N ILE B 103 8.34 -9.69 8.07
CA ILE B 103 7.58 -10.89 7.72
C ILE B 103 7.44 -11.71 8.98
N PRO B 104 6.21 -11.94 9.44
CA PRO B 104 6.02 -12.58 10.73
C PRO B 104 6.79 -13.89 10.79
N PRO B 105 7.05 -14.37 11.99
CA PRO B 105 7.77 -15.64 12.13
C PRO B 105 6.99 -16.80 11.55
N SER B 106 5.67 -16.79 11.78
CA SER B 106 4.81 -17.84 11.27
C SER B 106 5.01 -18.06 9.77
N PHE B 107 4.89 -16.98 8.99
CA PHE B 107 4.91 -17.10 7.53
C PHE B 107 6.13 -17.91 7.06
N CYS B 108 7.29 -17.61 7.63
CA CYS B 108 8.50 -18.32 7.27
CA CYS B 108 8.50 -18.33 7.27
C CYS B 108 8.28 -19.83 7.34
N ASP B 109 7.44 -20.28 8.28
CA ASP B 109 7.20 -21.71 8.42
C ASP B 109 6.41 -22.27 7.25
N THR B 110 5.39 -21.54 6.80
CA THR B 110 4.69 -21.94 5.60
C THR B 110 5.67 -22.23 4.48
N VAL B 111 6.37 -21.16 4.10
CA VAL B 111 7.35 -21.20 3.02
C VAL B 111 8.27 -22.40 3.14
N SER B 112 8.67 -22.75 4.36
CA SER B 112 9.63 -23.84 4.51
C SER B 112 9.18 -25.16 3.88
N SER B 113 8.13 -25.76 4.42
CA SER B 113 7.69 -27.05 3.89
C SER B 113 7.17 -26.90 2.47
N VAL B 114 6.38 -25.85 2.17
CA VAL B 114 5.93 -25.69 0.79
C VAL B 114 7.10 -25.79 -0.16
N LEU B 115 8.23 -25.16 0.21
CA LEU B 115 9.35 -25.15 -0.71
C LEU B 115 10.10 -26.47 -0.74
N LEU B 116 10.12 -27.19 0.38
CA LEU B 116 10.89 -28.42 0.37
C LEU B 116 10.20 -29.53 -0.42
N ASP B 117 8.89 -29.42 -0.68
CA ASP B 117 8.20 -30.49 -1.40
C ASP B 117 8.93 -30.83 -2.68
N ASP B 118 9.30 -29.80 -3.42
CA ASP B 118 10.16 -29.96 -4.59
C ASP B 118 11.51 -29.44 -4.13
N PHE B 119 12.52 -29.49 -5.01
CA PHE B 119 13.85 -28.99 -4.70
C PHE B 119 14.60 -29.81 -3.66
N ASN B 120 15.89 -29.58 -3.56
CA ASN B 120 16.75 -30.30 -2.63
C ASN B 120 16.91 -29.47 -1.38
N MET B 121 17.85 -28.54 -1.45
CA MET B 121 18.18 -27.66 -0.36
C MET B 121 17.36 -26.39 -0.50
N VAL B 122 16.80 -25.91 0.59
CA VAL B 122 15.96 -24.74 0.50
C VAL B 122 16.74 -23.91 1.53
N SER B 123 17.31 -22.77 1.16
CA SER B 123 18.08 -22.00 2.13
C SER B 123 17.37 -20.70 2.41
N LEU B 124 17.30 -20.36 3.69
CA LEU B 124 16.56 -19.21 4.16
C LEU B 124 17.53 -18.20 4.76
N ILE B 125 17.35 -16.92 4.41
CA ILE B 125 18.17 -15.83 4.93
C ILE B 125 17.27 -14.74 5.47
N ARG B 126 17.70 -14.13 6.56
CA ARG B 126 16.97 -13.03 7.15
C ARG B 126 17.77 -11.75 7.09
N THR B 127 17.10 -10.66 6.69
CA THR B 127 17.65 -9.32 6.65
C THR B 127 16.56 -8.32 7.02
N SER B 128 16.97 -7.19 7.61
CA SER B 128 16.03 -6.12 7.89
C SER B 128 15.48 -5.54 6.59
N PRO B 129 14.28 -4.97 6.62
CA PRO B 129 13.70 -4.47 5.37
C PRO B 129 14.60 -3.49 4.62
N ALA B 130 15.48 -2.78 5.33
CA ALA B 130 16.38 -1.83 4.68
C ALA B 130 17.42 -2.53 3.82
N ASP B 131 17.87 -3.70 4.23
CA ASP B 131 18.95 -4.38 3.53
C ASP B 131 18.49 -5.46 2.58
N SER B 132 17.19 -5.66 2.40
CA SER B 132 16.77 -6.81 1.62
C SER B 132 17.07 -6.70 0.12
N LEU B 133 16.32 -5.86 -0.58
CA LEU B 133 16.52 -5.74 -2.02
C LEU B 133 17.98 -5.48 -2.31
N ALA B 134 18.58 -4.57 -1.54
CA ALA B 134 19.99 -4.32 -1.66
C ALA B 134 20.79 -5.63 -1.65
N THR B 135 20.37 -6.60 -0.83
CA THR B 135 21.09 -7.88 -0.79
C THR B 135 20.91 -8.66 -2.09
N ILE B 136 19.67 -8.85 -2.51
CA ILE B 136 19.49 -9.72 -3.66
C ILE B 136 20.08 -9.11 -4.92
N LYS B 137 20.24 -7.79 -4.96
CA LYS B 137 20.75 -7.13 -6.17
C LYS B 137 22.22 -7.48 -6.45
N GLN B 138 23.02 -7.70 -5.41
CA GLN B 138 24.40 -8.12 -5.60
C GLN B 138 24.45 -9.37 -6.47
N ASP B 139 25.32 -9.36 -7.49
CA ASP B 139 25.37 -10.52 -8.38
C ASP B 139 25.84 -11.78 -7.68
N ASN B 140 26.70 -11.64 -6.68
CA ASN B 140 27.17 -12.80 -5.93
C ASN B 140 26.14 -13.35 -4.96
N ALA B 141 24.97 -12.72 -4.80
CA ALA B 141 23.99 -13.19 -3.83
C ALA B 141 23.28 -14.46 -4.28
N GLU B 142 23.07 -14.60 -5.58
CA GLU B 142 22.37 -15.75 -6.15
C GLU B 142 21.20 -16.19 -5.27
N ILE B 143 20.27 -15.24 -5.10
CA ILE B 143 19.02 -15.45 -4.37
C ILE B 143 17.91 -15.64 -5.39
N ASP B 144 17.10 -16.66 -5.19
CA ASP B 144 16.07 -17.03 -6.15
C ASP B 144 14.70 -16.50 -5.77
N ILE B 145 14.45 -16.26 -4.49
CA ILE B 145 13.17 -15.74 -4.04
C ILE B 145 13.46 -14.78 -2.90
N ALA B 146 12.77 -13.65 -2.89
CA ALA B 146 13.00 -12.67 -1.85
C ALA B 146 11.66 -12.13 -1.41
N ILE B 147 11.38 -12.19 -0.11
CA ILE B 147 10.06 -11.84 0.41
C ILE B 147 10.22 -10.68 1.37
N THR B 148 9.73 -9.51 0.98
CA THR B 148 10.02 -8.33 1.77
C THR B 148 8.97 -7.27 1.49
N ILE B 149 8.86 -6.31 2.42
CA ILE B 149 7.92 -5.21 2.27
C ILE B 149 8.49 -4.06 1.46
N ASP B 150 9.80 -4.04 1.23
CA ASP B 150 10.44 -2.95 0.51
C ASP B 150 9.99 -3.02 -0.94
N GLU B 151 9.63 -1.87 -1.50
CA GLU B 151 9.05 -1.76 -2.84
C GLU B 151 10.10 -1.32 -3.85
N GLU B 152 10.05 -1.93 -5.02
CA GLU B 152 10.88 -1.57 -6.15
C GLU B 152 10.26 -2.25 -7.36
N LEU B 153 9.82 -1.47 -8.33
CA LEU B 153 9.28 -2.03 -9.55
C LEU B 153 10.43 -2.03 -10.56
N LYS B 154 10.43 -3.04 -11.42
CA LYS B 154 11.56 -3.24 -12.32
C LYS B 154 12.86 -3.40 -11.55
N ILE B 155 13.16 -4.64 -11.15
CA ILE B 155 14.47 -5.01 -10.63
C ILE B 155 15.14 -5.92 -11.65
N SER B 156 16.44 -5.70 -11.85
CA SER B 156 17.15 -6.43 -12.89
C SER B 156 17.18 -7.91 -12.56
N ARG B 157 16.69 -8.74 -13.48
CA ARG B 157 16.80 -10.18 -13.41
C ARG B 157 15.77 -10.74 -12.42
N PHE B 158 14.73 -9.98 -12.07
CA PHE B 158 13.79 -10.38 -11.04
C PHE B 158 12.37 -9.97 -11.39
N ASN B 159 11.42 -10.89 -11.18
CA ASN B 159 10.02 -10.56 -11.30
C ASN B 159 9.46 -10.11 -9.96
N GLN B 160 8.18 -9.78 -9.95
CA GLN B 160 7.52 -9.32 -8.74
C GLN B 160 6.10 -9.88 -8.69
N CYS B 161 5.63 -10.11 -7.48
CA CYS B 161 4.21 -10.31 -7.27
C CYS B 161 3.90 -10.03 -5.81
N VAL B 162 2.63 -9.84 -5.53
CA VAL B 162 2.15 -9.46 -4.21
C VAL B 162 1.71 -10.73 -3.54
N LEU B 163 2.34 -11.03 -2.42
CA LEU B 163 2.11 -12.28 -1.72
C LEU B 163 1.07 -12.06 -0.63
N GLY B 164 1.07 -10.89 -0.04
CA GLY B 164 0.06 -10.66 0.97
C GLY B 164 0.12 -9.32 1.65
N TYR B 165 -0.23 -9.35 2.94
CA TYR B 165 -0.24 -8.16 3.75
C TYR B 165 0.26 -8.50 5.15
N THR B 166 0.81 -7.50 5.81
CA THR B 166 1.25 -7.64 7.20
C THR B 166 1.02 -6.29 7.85
N LYS B 167 0.99 -6.25 9.18
CA LYS B 167 0.60 -5.03 9.88
C LYS B 167 1.73 -4.47 10.73
N ALA B 168 1.89 -3.16 10.69
CA ALA B 168 2.92 -2.52 11.48
C ALA B 168 2.31 -1.40 12.31
N PHE B 169 2.93 -1.07 13.42
CA PHE B 169 2.40 -0.10 14.37
C PHE B 169 3.40 1.01 14.62
N VAL B 170 2.88 2.24 14.73
CA VAL B 170 3.66 3.33 15.31
C VAL B 170 3.59 3.18 16.83
N VAL B 171 4.73 2.87 17.46
CA VAL B 171 4.81 2.64 18.90
C VAL B 171 5.69 3.69 19.54
N ALA B 172 5.41 3.97 20.82
CA ALA B 172 6.16 4.95 21.60
C ALA B 172 6.13 4.55 23.08
N HIS B 173 6.96 5.22 23.87
CA HIS B 173 6.98 4.95 25.31
C HIS B 173 5.65 5.39 25.92
N PRO B 174 5.02 4.57 26.76
CA PRO B 174 3.64 4.86 27.18
C PRO B 174 3.43 6.26 27.74
N GLN B 175 4.46 6.85 28.34
CA GLN B 175 4.36 8.20 28.86
C GLN B 175 4.86 9.23 27.85
N HIS B 176 5.08 8.83 26.59
CA HIS B 176 5.61 9.75 25.60
C HIS B 176 4.64 10.92 25.42
N PRO B 177 5.16 12.14 25.21
CA PRO B 177 4.25 13.28 25.01
C PRO B 177 3.13 12.99 24.02
N LEU B 178 3.47 12.35 22.89
CA LEU B 178 2.51 12.09 21.82
C LEU B 178 1.48 11.06 22.23
N CYS B 179 1.74 10.34 23.32
CA CYS B 179 0.72 9.45 23.87
C CYS B 179 -0.28 10.21 24.70
N ASN B 180 0.13 11.38 25.21
CA ASN B 180 -0.67 12.25 26.05
C ASN B 180 -1.66 13.12 25.25
N ALA B 181 -1.84 12.80 23.95
CA ALA B 181 -2.85 13.38 23.09
C ALA B 181 -3.75 12.22 22.69
N SER B 182 -4.90 12.54 22.08
CA SER B 182 -5.81 11.52 21.60
C SER B 182 -5.81 11.39 20.08
N LEU B 183 -5.97 12.50 19.35
CA LEU B 183 -5.79 12.49 17.90
C LEU B 183 -4.40 13.07 17.63
N HIS B 184 -3.71 12.47 16.66
CA HIS B 184 -2.32 12.76 16.32
C HIS B 184 -2.28 12.93 14.80
N SER B 185 -1.24 13.62 14.32
CA SER B 185 -1.04 13.94 12.91
C SER B 185 0.41 13.66 12.57
N ILE B 186 0.73 13.69 11.27
CA ILE B 186 2.02 13.23 10.73
C ILE B 186 3.10 14.24 11.21
N ALA B 187 2.64 15.47 11.42
CA ALA B 187 3.51 16.60 11.81
C ALA B 187 3.80 16.62 13.29
N SER B 188 2.77 16.33 14.08
CA SER B 188 2.98 16.13 15.49
C SER B 188 4.08 15.09 15.66
N LEU B 189 4.01 14.00 14.87
CA LEU B 189 5.03 12.96 14.97
C LEU B 189 6.40 13.46 14.49
N ALA B 190 6.42 14.31 13.47
CA ALA B 190 7.71 14.75 12.95
C ALA B 190 8.42 15.69 13.91
N ASN B 191 7.69 16.32 14.84
CA ASN B 191 8.36 17.22 15.78
C ASN B 191 8.99 16.48 16.95
N TYR B 192 9.00 15.15 16.90
CA TYR B 192 9.66 14.32 17.90
C TYR B 192 10.59 13.36 17.19
N ARG B 193 11.54 12.81 17.95
CA ARG B 193 12.61 12.04 17.36
C ARG B 193 12.12 10.65 16.99
N GLN B 194 12.42 10.26 15.75
CA GLN B 194 12.12 8.92 15.28
C GLN B 194 13.30 8.00 15.46
N ILE B 195 13.02 6.78 15.89
CA ILE B 195 13.98 5.70 15.87
C ILE B 195 13.67 4.93 14.60
N SER B 196 14.59 4.88 13.64
CA SER B 196 14.27 4.26 12.36
C SER B 196 15.33 3.27 11.93
N LEU B 197 14.89 2.28 11.16
CA LEU B 197 15.81 1.39 10.48
C LEU B 197 16.60 2.19 9.45
N GLY B 198 17.54 1.53 8.81
CA GLY B 198 18.30 2.11 7.74
C GLY B 198 19.67 2.59 8.19
N SER B 199 20.52 2.80 7.21
CA SER B 199 21.83 3.41 7.42
C SER B 199 21.68 4.91 7.17
N ARG B 200 22.11 5.71 8.15
CA ARG B 200 22.18 7.16 7.97
C ARG B 200 22.69 7.52 6.58
N SER B 201 23.84 6.96 6.19
CA SER B 201 24.41 7.16 4.86
C SER B 201 23.73 6.26 3.84
N GLY B 202 23.22 6.87 2.76
CA GLY B 202 22.61 6.12 1.69
C GLY B 202 21.17 6.52 1.50
N GLN B 203 20.64 6.27 0.30
CA GLN B 203 19.23 6.51 0.04
C GLN B 203 18.40 5.58 0.92
N HIS B 204 17.25 6.08 1.34
CA HIS B 204 16.31 5.33 2.16
C HIS B 204 15.09 5.01 1.31
N SER B 205 14.75 3.74 1.20
CA SER B 205 13.54 3.38 0.48
C SER B 205 12.44 4.32 0.94
N ASN B 206 11.60 4.76 0.01
CA ASN B 206 10.52 5.64 0.45
C ASN B 206 9.70 4.96 1.53
N LEU B 207 9.95 3.67 1.75
CA LEU B 207 9.27 2.97 2.81
C LEU B 207 9.88 3.36 4.13
N LEU B 208 11.21 3.37 4.19
CA LEU B 208 11.95 3.63 5.40
C LEU B 208 12.56 5.02 5.44
N ARG B 209 12.11 5.91 4.60
CA ARG B 209 12.63 7.28 4.63
C ARG B 209 12.12 7.93 5.91
N PRO B 210 12.97 8.31 6.84
CA PRO B 210 12.50 8.86 8.11
C PRO B 210 11.52 10.01 7.91
N VAL B 211 10.57 10.13 8.84
CA VAL B 211 9.61 11.22 8.76
C VAL B 211 10.07 12.38 9.64
N SER B 212 10.74 12.08 10.75
CA SER B 212 11.10 13.15 11.66
C SER B 212 12.36 13.83 11.18
N ASP B 213 12.46 15.11 11.46
CA ASP B 213 13.66 15.78 11.03
C ASP B 213 14.79 15.48 12.01
N LYS B 214 14.45 15.06 13.26
CA LYS B 214 15.42 14.64 14.26
C LYS B 214 15.35 13.13 14.32
N VAL B 215 16.31 12.44 13.70
CA VAL B 215 16.24 10.99 13.54
C VAL B 215 17.43 10.30 14.20
N LEU B 216 17.25 9.02 14.53
CA LEU B 216 18.34 8.23 15.10
C LEU B 216 18.19 6.82 14.55
N PHE B 217 19.24 6.36 13.87
CA PHE B 217 19.12 5.14 13.07
C PHE B 217 19.52 3.91 13.89
N VAL B 218 19.10 2.74 13.41
CA VAL B 218 19.43 1.46 14.03
C VAL B 218 19.50 0.40 12.93
N GLU B 219 20.02 -0.78 13.28
CA GLU B 219 20.24 -1.83 12.31
C GLU B 219 19.13 -2.87 12.30
N ASN B 220 18.46 -3.05 13.42
CA ASN B 220 17.44 -4.09 13.52
C ASN B 220 16.32 -3.58 14.42
N PHE B 221 15.31 -4.43 14.62
CA PHE B 221 14.15 -4.04 15.42
C PHE B 221 14.44 -4.17 16.91
N ASP B 222 15.26 -5.14 17.31
CA ASP B 222 15.61 -5.25 18.72
C ASP B 222 16.18 -3.94 19.26
N ASP B 223 17.21 -3.41 18.60
CA ASP B 223 17.81 -2.13 19.01
C ASP B 223 16.78 -1.00 18.97
N MET B 224 16.01 -0.94 17.88
CA MET B 224 14.99 0.09 17.78
C MET B 224 14.13 0.09 19.03
N LEU B 225 13.59 -1.08 19.42
CA LEU B 225 12.67 -1.14 20.56
C LEU B 225 13.38 -0.87 21.89
N ARG B 226 14.64 -1.30 22.02
CA ARG B 226 15.43 -0.93 23.18
C ARG B 226 15.34 0.57 23.44
N LEU B 227 15.53 1.37 22.38
CA LEU B 227 15.50 2.82 22.59
C LEU B 227 14.08 3.35 22.75
N VAL B 228 13.13 2.81 22.01
CA VAL B 228 11.78 3.37 22.07
C VAL B 228 11.19 3.15 23.44
N GLU B 229 11.39 1.96 24.03
CA GLU B 229 10.88 1.67 25.35
C GLU B 229 11.53 2.57 26.39
N ALA B 230 12.74 3.08 26.11
CA ALA B 230 13.41 4.05 26.96
C ALA B 230 13.00 5.48 26.60
N GLY B 231 11.87 5.67 25.94
CA GLY B 231 11.33 6.99 25.67
C GLY B 231 12.24 7.87 24.83
N VAL B 232 13.28 7.26 24.23
CA VAL B 232 14.19 8.04 23.41
C VAL B 232 13.51 8.61 22.19
N GLY B 233 12.40 8.02 21.77
CA GLY B 233 11.72 8.45 20.56
C GLY B 233 10.60 7.47 20.30
N TRP B 234 10.08 7.55 19.08
CA TRP B 234 9.00 6.70 18.58
C TRP B 234 9.45 5.97 17.32
N GLY B 235 8.75 4.87 17.02
CA GLY B 235 9.16 4.04 15.90
C GLY B 235 8.01 3.33 15.21
N ILE B 236 8.37 2.63 14.14
CA ILE B 236 7.44 1.83 13.34
C ILE B 236 7.95 0.41 13.35
N ALA B 237 7.13 -0.51 13.82
CA ALA B 237 7.60 -1.88 13.96
C ALA B 237 6.58 -2.87 13.52
N PRO B 238 6.97 -4.12 13.28
CA PRO B 238 6.02 -5.16 12.90
C PRO B 238 5.09 -5.53 14.05
N HIS B 239 3.88 -5.99 13.69
CA HIS B 239 2.94 -6.39 14.73
C HIS B 239 3.58 -7.44 15.63
N TYR B 240 4.06 -8.52 15.02
CA TYR B 240 4.61 -9.62 15.81
C TYR B 240 5.70 -9.15 16.77
N PHE B 241 6.48 -8.15 16.37
CA PHE B 241 7.54 -7.68 17.24
C PHE B 241 7.03 -6.95 18.48
N VAL B 242 5.79 -6.46 18.49
CA VAL B 242 5.36 -5.58 19.57
CA VAL B 242 5.37 -5.60 19.59
C VAL B 242 4.04 -6.06 20.19
N GLU B 243 3.59 -7.26 19.82
CA GLU B 243 2.35 -7.77 20.41
C GLU B 243 2.45 -7.88 21.94
N GLU B 244 3.39 -8.67 22.45
CA GLU B 244 3.49 -8.84 23.91
C GLU B 244 3.72 -7.50 24.59
N ARG B 245 4.76 -6.79 24.14
CA ARG B 245 5.10 -5.50 24.73
C ARG B 245 3.90 -4.57 24.79
N LEU B 246 2.95 -4.74 23.86
CA LEU B 246 1.72 -3.96 23.92
C LEU B 246 0.72 -4.56 24.92
N ARG B 247 0.49 -5.88 24.87
CA ARG B 247 -0.36 -6.54 25.86
C ARG B 247 0.02 -6.11 27.27
N ASN B 248 1.32 -5.94 27.50
CA ASN B 248 1.89 -5.72 28.83
C ASN B 248 2.01 -4.23 29.20
N GLY B 249 1.31 -3.33 28.48
CA GLY B 249 1.37 -1.92 28.83
C GLY B 249 2.73 -1.27 28.67
N THR B 250 3.76 -2.06 28.33
CA THR B 250 5.11 -1.56 28.12
C THR B 250 5.24 -0.47 27.06
N LEU B 251 4.26 -0.36 26.16
CA LEU B 251 4.46 0.25 24.86
C LEU B 251 3.10 0.67 24.32
N ALA B 252 3.06 1.81 23.63
CA ALA B 252 1.82 2.42 23.16
C ALA B 252 1.72 2.35 21.63
N VAL B 253 0.67 2.95 21.08
CA VAL B 253 0.41 2.98 19.64
C VAL B 253 -0.14 4.35 19.33
N LEU B 254 0.44 5.00 18.33
CA LEU B 254 -0.01 6.31 17.89
C LEU B 254 -0.73 6.21 16.56
N SER B 255 -1.02 4.97 16.13
CA SER B 255 -1.48 4.70 14.79
C SER B 255 -2.90 4.20 14.77
N GLU B 256 -3.63 4.33 15.87
CA GLU B 256 -4.91 3.65 15.99
C GLU B 256 -6.05 4.44 15.36
N LEU B 257 -5.84 5.72 15.02
CA LEU B 257 -6.76 6.45 14.17
C LEU B 257 -6.29 6.53 12.73
N TYR B 258 -4.98 6.71 12.49
CA TYR B 258 -4.46 6.67 11.13
C TYR B 258 -5.01 5.45 10.43
N GLU B 259 -4.65 4.23 10.96
CA GLU B 259 -5.19 3.00 10.42
C GLU B 259 -5.42 2.04 11.59
N PRO B 260 -6.65 1.89 12.05
CA PRO B 260 -6.92 0.95 13.15
C PRO B 260 -6.59 -0.48 12.79
N GLY B 261 -6.13 -1.20 13.80
CA GLY B 261 -5.62 -2.52 13.59
C GLY B 261 -4.23 -2.48 13.09
N GLY B 262 -3.58 -1.32 13.16
CA GLY B 262 -2.28 -1.20 12.60
C GLY B 262 -2.33 -0.93 11.10
N ILE B 263 -1.12 -0.79 10.55
CA ILE B 263 -0.90 -0.20 9.24
C ILE B 263 -0.61 -1.33 8.27
N ASP B 264 -1.50 -1.53 7.33
CA ASP B 264 -1.37 -2.60 6.35
C ASP B 264 -0.22 -2.30 5.40
N THR B 265 0.59 -3.31 5.13
CA THR B 265 1.79 -3.17 4.32
C THR B 265 1.85 -4.32 3.37
N LYS B 266 1.94 -4.03 2.07
CA LYS B 266 2.02 -5.12 1.13
C LYS B 266 3.30 -5.88 1.37
N VAL B 267 3.23 -7.20 1.16
CA VAL B 267 4.40 -8.08 1.18
C VAL B 267 4.62 -8.60 -0.23
N TYR B 268 5.79 -8.25 -0.82
CA TYR B 268 6.17 -8.58 -2.20
C TYR B 268 7.10 -9.78 -2.23
N CYS B 269 7.02 -10.55 -3.32
CA CYS B 269 7.86 -11.73 -3.56
C CYS B 269 8.59 -11.54 -4.87
N TYR B 270 9.86 -11.13 -4.81
CA TYR B 270 10.69 -11.00 -6.01
C TYR B 270 11.25 -12.37 -6.37
N TYR B 271 10.85 -12.93 -7.50
CA TYR B 271 11.23 -14.28 -7.89
C TYR B 271 12.00 -14.24 -9.18
N ASN B 272 13.18 -14.82 -9.16
CA ASN B 272 14.04 -14.90 -10.33
C ASN B 272 13.26 -15.27 -11.59
N THR B 273 13.65 -14.64 -12.70
CA THR B 273 13.03 -14.81 -14.01
C THR B 273 13.21 -16.23 -14.55
N ALA B 274 13.46 -17.18 -13.66
CA ALA B 274 13.62 -18.58 -14.05
C ALA B 274 12.62 -19.47 -13.35
N LEU B 275 12.03 -19.03 -12.26
CA LEU B 275 11.01 -19.79 -11.59
C LEU B 275 9.64 -19.56 -12.19
N GLU B 276 9.52 -18.56 -13.11
CA GLU B 276 8.24 -18.12 -13.68
C GLU B 276 7.35 -19.29 -14.02
N SER B 277 7.95 -20.30 -14.61
CA SER B 277 7.28 -21.55 -14.95
C SER B 277 7.97 -22.66 -14.17
N GLU B 278 7.48 -22.96 -12.97
CA GLU B 278 7.93 -24.17 -12.28
C GLU B 278 6.72 -25.09 -12.14
N ARG B 279 6.10 -25.08 -10.94
CA ARG B 279 4.80 -25.66 -10.65
C ARG B 279 4.81 -25.55 -9.11
N SER B 280 5.92 -26.05 -8.54
CA SER B 280 6.19 -25.90 -7.13
C SER B 280 6.30 -24.43 -6.79
N PHE B 281 6.91 -23.62 -7.67
CA PHE B 281 6.87 -22.19 -7.42
C PHE B 281 5.43 -21.70 -7.38
N LEU B 282 4.65 -22.01 -8.42
CA LEU B 282 3.26 -21.57 -8.47
C LEU B 282 2.46 -22.12 -7.31
N ARG B 283 2.76 -23.36 -6.90
CA ARG B 283 2.09 -23.94 -5.74
C ARG B 283 2.49 -23.22 -4.46
N PHE B 284 3.78 -22.85 -4.37
CA PHE B 284 4.28 -22.07 -3.25
C PHE B 284 3.55 -20.75 -3.15
N LEU B 285 3.39 -20.06 -4.27
CA LEU B 285 2.66 -18.81 -4.26
C LEU B 285 1.23 -19.03 -3.78
N GLU B 286 0.53 -20.03 -4.36
CA GLU B 286 -0.83 -20.30 -3.94
C GLU B 286 -0.90 -20.49 -2.43
N SER B 287 -0.05 -21.39 -1.93
CA SER B 287 -0.10 -21.73 -0.52
C SER B 287 0.31 -20.55 0.35
N ALA B 288 1.38 -19.87 -0.03
CA ALA B 288 1.86 -18.72 0.75
C ALA B 288 0.79 -17.64 0.84
N ARG B 289 0.09 -17.40 -0.27
CA ARG B 289 -0.99 -16.44 -0.26
C ARG B 289 -2.07 -16.86 0.71
N GLN B 290 -2.49 -18.15 0.66
CA GLN B 290 -3.48 -18.64 1.63
C GLN B 290 -3.01 -18.45 3.07
N ARG B 291 -1.72 -18.64 3.30
CA ARG B 291 -1.17 -18.45 4.64
C ARG B 291 -1.30 -17.00 5.08
N LEU B 292 -0.90 -16.04 4.22
CA LEU B 292 -0.96 -14.66 4.71
C LEU B 292 -2.43 -14.24 4.93
N ARG B 293 -3.34 -14.83 4.15
CA ARG B 293 -4.77 -14.72 4.39
C ARG B 293 -5.16 -15.19 5.78
N GLU B 294 -4.84 -16.45 6.08
CA GLU B 294 -5.22 -16.94 7.41
C GLU B 294 -4.56 -16.17 8.56
N LEU B 295 -3.31 -15.67 8.36
CA LEU B 295 -2.60 -14.99 9.45
C LEU B 295 -3.18 -13.61 9.71
N GLY B 296 -3.47 -12.84 8.64
CA GLY B 296 -4.16 -11.58 8.85
C GLY B 296 -5.54 -11.79 9.45
N ARG B 297 -6.23 -12.86 9.00
CA ARG B 297 -7.53 -13.24 9.56
C ARG B 297 -7.49 -13.09 11.08
N GLN B 298 -6.50 -13.71 11.71
CA GLN B 298 -6.29 -13.58 13.14
C GLN B 298 -6.08 -12.09 13.44
C13 A0F C . 0.26 1.73 -9.43
C15 A0F C . 0.37 -0.56 -10.04
C17 A0F C . 0.78 -1.79 -10.87
C20 A0F C . 1.58 -3.81 -12.69
C22 A0F C . 2.37 -6.00 -13.49
C24 A0F C . 3.73 -7.71 -12.55
C26 A0F C . 1.83 -8.30 -13.88
C28 A0F C . 1.39 -2.52 -13.07
C02 A0F C . -6.84 3.25 -10.02
C05 A0F C . -5.33 3.25 -9.87
C07 A0F C . -3.31 3.87 -10.67
C08 A0F C . -2.64 3.27 -9.61
C09 A0F C . -3.36 2.62 -8.62
C11 A0F C . -1.28 1.80 -7.32
C12 A0F C . -0.56 1.09 -8.46
C18 A0F C . 0.96 -3.09 -10.43
C19 A0F C . 1.35 -4.10 -11.34
C23 A0F C . 3.46 -6.37 -12.74
C25 A0F C . 2.91 -8.68 -13.12
C27 A0F C . 1.57 -6.96 -14.08
C29 A0F C . 1.02 -1.53 -12.19
C30 A0F C . -4.75 2.63 -8.78
F01 A0F C . -7.32 4.43 -9.52
F03 A0F C . -7.26 3.06 -11.33
F04 A0F C . -7.31 2.23 -9.28
N06 A0F C . -4.63 3.84 -10.78
N10 A0F C . -2.71 1.97 -7.47
N14 A0F C . 0.80 0.73 -10.39
O21 A0F C . 1.99 -4.67 -13.75
S16 A0F C . -0.58 -0.47 -8.71
H131 A0F C . 0.43 2.65 -9.46
H241 A0F C . 4.46 -7.97 -12.02
H261 A0F C . 1.27 -8.93 -14.26
H281 A0F C . 1.54 -2.29 -13.96
H071 A0F C . -2.81 4.30 -11.34
H081 A0F C . -1.71 3.31 -9.56
H112 A0F C . -1.12 1.29 -6.52
H111 A0F C . -0.89 2.67 -7.22
H181 A0F C . 0.81 -3.31 -9.54
H191 A0F C . 1.45 -4.98 -11.04
H231 A0F C . 4.02 -5.72 -12.36
H251 A0F C . 3.09 -9.58 -12.98
H271 A0F C . 0.85 -6.70 -14.62
H291 A0F C . 0.91 -0.66 -12.50
H301 A0F C . -5.29 2.21 -8.14
H101 A0F C . -3.22 1.68 -6.85
C13 A0F D . 5.46 3.54 6.66
C15 A0F D . 3.63 4.59 7.68
C17 A0F D . 2.99 5.65 8.57
C20 A0F D . 2.27 7.55 10.46
C22 A0F D . 0.87 8.99 11.79
C24 A0F D . -1.06 10.28 11.45
C26 A0F D . -0.74 9.08 13.51
C28 A0F D . 3.53 7.05 10.43
C02 A0F D . 7.83 -2.11 9.32
C05 A0F D . 7.57 -0.89 8.49
C07 A0F D . 8.24 1.16 7.89
C08 A0F D . 7.14 1.27 7.04
C09 A0F D . 6.20 0.26 6.92
C11 A0F D . 4.61 1.54 5.33
C12 A0F D . 4.41 2.74 6.23
C18 A0F D . 1.69 6.14 8.60
C19 A0F D . 1.33 7.11 9.56
C23 A0F D . 0.14 9.83 10.96
C25 A0F D . -1.51 9.90 12.72
C27 A0F D . 0.46 8.63 13.04
C29 A0F D . 3.89 6.12 9.50
C30 A0F D . 6.46 -0.87 7.69
F01 A0F D . 8.66 -2.89 8.55
F03 A0F D . 8.32 -1.76 10.57
F04 A0F D . 6.64 -2.71 9.43
N06 A0F D . 8.44 0.08 8.60
N10 A0F D . 5.04 0.34 6.04
N14 A0F D . 5.00 4.60 7.53
O21 A0F D . 2.12 8.49 11.47
S16 A0F D . 3.05 3.32 6.82
H131 A0F D . 6.36 3.41 6.42
H241 A0F D . -1.60 10.83 10.91
H261 A0F D . -1.04 8.84 14.37
H281 A0F D . 4.16 7.34 11.05
H071 A0F D . 8.83 1.87 7.96
H081 A0F D . 7.05 2.04 6.52
H112 A0F D . 5.30 1.75 4.67
H111 A0F D . 3.78 1.35 4.87
H181 A0F D . 1.07 5.83 7.99
H191 A0F D . 0.47 7.44 9.58
H231 A0F D . 0.46 10.08 10.12
H251 A0F D . -2.32 10.22 13.02
H271 A0F D . 1.00 8.09 13.57
H291 A0F D . 4.77 5.79 9.49
H301 A0F D . 5.88 -1.60 7.67
H101 A0F D . 4.57 -0.38 5.94
#